data_6R42
#
_entry.id   6R42
#
_cell.length_a   68.440
_cell.length_b   82.640
_cell.length_c   88.760
_cell.angle_alpha   90.00
_cell.angle_beta   90.00
_cell.angle_gamma   90.00
#
_symmetry.space_group_name_H-M   'P 21 21 21'
#
loop_
_entity.id
_entity.type
_entity.pdbx_description
1 polymer 'Peptidoglycan D,D-transpeptidase FtsI'
2 non-polymer 'Piperacillin (Open Form)'
3 water water
#
_entity_poly.entity_id   1
_entity_poly.type   'polypeptide(L)'
_entity_poly.pdbx_seq_one_letter_code
;GPGYQDPARSVRHIAIPAHRGLITDRNGEPLAVSTPVTTLWANPKELMTAKERWPQLAAALGQDTKLFADRIEQNAEREF
IYLVRGLTPEQGEGVIALKVPGVYSIEEFRRFYPAGEVVAHAVGFTDVDDRGREGIELAFDEWLAGVPGKRQVLKDRRGR
VIKDVQVTKNAKPGKTLALSIDLRLQYLAHRELRNALLENGAKAGSLVIMDVKTGEILAMTNQPTYNPNNRRNLQPAAMR
NRAMIDVFEPGSTVKPFSMSAALASGRWKPSDIVDVYPGTLQIGRYTIRDVSRNSRQLDLTGILIKSSNVGISKIAFDIG
AESIYSVMQQVGLGQDTGLGFPGERVGNLPNHRKWPKAETATLAYGYGLSVTAIQLAHAYAALANDGKSVPLSMTRVDRV
PDGVQVISPEVASTVQGMLQQVVEAQGGVFRAQVPGYHAAGKSGTARKVSVGTKGYRENAYCSLFAGFAPATDPRIAMVV
VIDEPSKAGYFGGLVSAPVFSKVMAGALRLMNVPPDNLPTATEQQQVNAAPAKGGRG
;
_entity_poly.pdbx_strand_id   A
#
loop_
_chem_comp.id
_chem_comp.type
_chem_comp.name
_chem_comp.formula
JPP non-polymer 'Piperacillin (Open Form)' 'C23 H29 N5 O7 S'
#
# COMPACT_ATOMS: atom_id res chain seq x y z
N GLN A 5 -25.98 46.93 27.68
CA GLN A 5 -24.86 46.03 27.95
C GLN A 5 -24.13 45.66 26.67
N ASP A 6 -24.59 44.60 26.02
CA ASP A 6 -24.02 44.11 24.77
C ASP A 6 -22.52 43.82 24.88
N PRO A 7 -21.74 44.33 23.94
CA PRO A 7 -20.29 44.13 23.93
C PRO A 7 -19.57 45.19 23.10
N ALA A 8 -18.79 46.05 23.75
CA ALA A 8 -18.04 47.12 23.05
C ALA A 8 -16.73 46.62 22.50
N ARG A 9 -16.20 45.60 23.16
CA ARG A 9 -14.90 45.04 22.83
C ARG A 9 -14.90 43.56 23.07
N SER A 10 -14.07 42.85 22.31
CA SER A 10 -13.77 41.41 22.53
C SER A 10 -12.29 41.20 22.27
N VAL A 11 -11.72 40.30 23.07
CA VAL A 11 -10.42 39.76 22.75
C VAL A 11 -10.59 38.31 22.28
N ARG A 12 -9.98 38.01 21.13
CA ARG A 12 -10.06 36.69 20.51
C ARG A 12 -8.69 36.28 20.04
N HIS A 13 -8.60 35.01 19.71
CA HIS A 13 -7.38 34.36 19.35
C HIS A 13 -7.67 33.72 17.99
N ILE A 14 -6.93 34.14 16.97
CA ILE A 14 -7.03 33.55 15.65
C ILE A 14 -5.73 32.77 15.30
N ALA A 15 -5.90 31.64 14.63
CA ALA A 15 -4.79 30.73 14.28
C ALA A 15 -3.83 31.36 13.29
N ILE A 16 -2.57 31.00 13.46
CA ILE A 16 -1.54 31.31 12.47
C ILE A 16 -1.31 29.92 11.86
N PRO A 17 -1.73 29.70 10.60
CA PRO A 17 -1.68 28.32 10.09
C PRO A 17 -0.23 27.90 9.80
N ALA A 18 0.08 26.64 10.06
CA ALA A 18 1.46 26.16 10.01
C ALA A 18 1.77 25.43 8.66
N HIS A 19 3.01 25.51 8.20
CA HIS A 19 3.41 24.90 6.93
C HIS A 19 3.64 23.39 7.16
N ARG A 20 2.79 22.54 6.60
CA ARG A 20 2.97 21.09 6.65
C ARG A 20 4.25 20.59 5.94
N GLY A 21 4.87 19.59 6.53
CA GLY A 21 6.17 19.11 6.09
C GLY A 21 6.12 18.48 4.75
N LEU A 22 7.15 18.78 3.93
CA LEU A 22 7.30 18.16 2.64
C LEU A 22 7.46 16.63 2.72
N ILE A 23 6.71 15.90 1.93
CA ILE A 23 6.97 14.47 1.76
C ILE A 23 7.82 14.32 0.49
N THR A 24 8.96 13.61 0.64
CA THR A 24 9.75 13.25 -0.56
C THR A 24 9.84 11.74 -0.75
N ASP A 25 10.36 11.35 -1.89
CA ASP A 25 10.78 9.98 -2.08
C ASP A 25 12.16 9.83 -1.44
N ARG A 26 12.72 8.63 -1.51
CA ARG A 26 13.99 8.36 -0.80
C ARG A 26 15.18 9.25 -1.33
N ASN A 27 15.06 9.78 -2.56
CA ASN A 27 16.11 10.61 -3.20
C ASN A 27 15.77 12.12 -3.18
N GLY A 28 14.80 12.50 -2.36
CA GLY A 28 14.35 13.87 -2.34
C GLY A 28 13.41 14.40 -3.39
N GLU A 29 12.82 13.55 -4.16
CA GLU A 29 11.78 14.01 -5.13
C GLU A 29 10.49 14.30 -4.39
N PRO A 30 9.94 15.50 -4.61
CA PRO A 30 8.72 15.89 -3.87
C PRO A 30 7.51 15.05 -4.23
N LEU A 31 6.77 14.55 -3.22
CA LEU A 31 5.57 13.81 -3.36
C LEU A 31 4.33 14.47 -2.76
N ALA A 32 4.51 15.33 -1.79
CA ALA A 32 3.44 16.08 -1.15
C ALA A 32 3.99 17.40 -0.72
N VAL A 33 3.40 18.48 -1.25
CA VAL A 33 4.00 19.82 -1.15
C VAL A 33 2.94 20.78 -0.69
N SER A 34 3.19 21.46 0.43
CA SER A 34 2.21 22.45 0.96
C SER A 34 2.26 23.67 0.03
N THR A 35 1.08 24.01 -0.52
CA THR A 35 0.89 25.02 -1.56
C THR A 35 0.08 26.20 -0.99
N PRO A 36 0.66 27.43 -1.07
CA PRO A 36 -0.06 28.66 -0.66
C PRO A 36 -1.47 28.73 -1.31
N VAL A 37 -2.51 28.79 -0.50
CA VAL A 37 -3.85 29.07 -0.97
C VAL A 37 -4.43 30.33 -0.26
N THR A 38 -5.49 30.88 -0.82
CA THR A 38 -6.17 32.09 -0.33
C THR A 38 -7.59 31.67 -0.01
N THR A 39 -7.93 31.68 1.28
CA THR A 39 -9.29 31.46 1.73
C THR A 39 -9.99 32.82 1.98
N LEU A 40 -11.15 32.99 1.34
CA LEU A 40 -11.90 34.25 1.44
C LEU A 40 -12.92 34.05 2.53
N TRP A 41 -13.02 34.98 3.43
CA TRP A 41 -14.08 34.92 4.41
C TRP A 41 -14.67 36.36 4.47
N ALA A 42 -15.74 36.51 5.20
CA ALA A 42 -16.39 37.79 5.32
C ALA A 42 -16.99 37.91 6.69
N ASN A 43 -17.10 39.15 7.14
CA ASN A 43 -17.82 39.45 8.34
C ASN A 43 -19.19 39.98 7.93
N PRO A 44 -20.27 39.14 8.07
CA PRO A 44 -21.62 39.58 7.75
C PRO A 44 -22.03 40.94 8.35
N LYS A 45 -21.62 41.22 9.58
CA LYS A 45 -21.96 42.51 10.24
C LYS A 45 -21.49 43.70 9.42
N GLU A 46 -20.28 43.60 8.84
CA GLU A 46 -19.77 44.63 7.92
C GLU A 46 -20.38 44.56 6.51
N LEU A 47 -20.61 43.34 6.02
CA LEU A 47 -21.25 43.19 4.69
C LEU A 47 -22.61 43.82 4.58
N MET A 48 -23.39 43.67 5.67
CA MET A 48 -24.65 44.32 5.83
C MET A 48 -24.72 45.85 5.61
N THR A 49 -23.59 46.55 5.68
CA THR A 49 -23.50 48.01 5.47
C THR A 49 -23.11 48.36 4.07
N ALA A 50 -22.99 47.33 3.21
CA ALA A 50 -22.59 47.56 1.84
C ALA A 50 -23.32 46.63 0.84
N LYS A 51 -24.64 46.55 0.95
CA LYS A 51 -25.45 45.63 0.11
C LYS A 51 -25.31 45.88 -1.35
N GLU A 52 -25.11 47.12 -1.74
CA GLU A 52 -24.96 47.44 -3.16
C GLU A 52 -23.79 46.77 -3.83
N ARG A 53 -22.82 46.33 -3.03
CA ARG A 53 -21.67 45.53 -3.50
C ARG A 53 -21.89 44.02 -3.63
N TRP A 54 -22.92 43.48 -2.99
CA TRP A 54 -23.12 42.06 -2.92
C TRP A 54 -23.24 41.39 -4.26
N PRO A 55 -23.93 42.00 -5.22
CA PRO A 55 -24.09 41.29 -6.49
C PRO A 55 -22.80 41.05 -7.25
N GLN A 56 -21.87 42.00 -7.20
CA GLN A 56 -20.57 41.92 -7.91
C GLN A 56 -19.67 40.92 -7.14
N LEU A 57 -19.82 40.83 -5.81
CA LEU A 57 -19.19 39.76 -5.00
C LEU A 57 -19.73 38.36 -5.32
N ALA A 58 -21.05 38.24 -5.42
CA ALA A 58 -21.68 36.94 -5.75
C ALA A 58 -21.23 36.45 -7.15
N ALA A 59 -21.18 37.35 -8.12
CA ALA A 59 -20.68 37.04 -9.45
C ALA A 59 -19.24 36.61 -9.46
N ALA A 60 -18.39 37.36 -8.74
CA ALA A 60 -17.00 36.98 -8.54
C ALA A 60 -16.82 35.59 -7.98
N LEU A 61 -17.74 35.19 -7.08
CA LEU A 61 -17.71 33.89 -6.46
C LEU A 61 -18.52 32.79 -7.23
N GLY A 62 -18.97 33.09 -8.45
CA GLY A 62 -19.83 32.17 -9.22
C GLY A 62 -21.11 31.77 -8.51
N GLN A 63 -21.71 32.71 -7.77
CA GLN A 63 -22.87 32.39 -6.93
C GLN A 63 -24.03 33.10 -7.51
N ASP A 64 -25.22 32.53 -7.38
CA ASP A 64 -26.43 33.23 -7.81
C ASP A 64 -26.62 34.47 -6.91
N THR A 65 -26.99 35.59 -7.55
CA THR A 65 -27.20 36.82 -6.86
C THR A 65 -28.13 36.66 -5.64
N LYS A 66 -29.28 36.02 -5.83
CA LYS A 66 -30.28 35.94 -4.76
C LYS A 66 -29.87 35.00 -3.72
N LEU A 67 -29.30 33.86 -4.09
CA LEU A 67 -28.95 32.84 -3.06
C LEU A 67 -27.85 33.37 -2.17
N PHE A 68 -26.92 34.10 -2.77
CA PHE A 68 -25.88 34.81 -2.00
C PHE A 68 -26.50 35.81 -1.00
N ALA A 69 -27.39 36.69 -1.49
CA ALA A 69 -28.01 37.70 -0.64
C ALA A 69 -28.81 37.01 0.54
N ASP A 70 -29.57 35.98 0.21
CA ASP A 70 -30.20 35.16 1.22
C ASP A 70 -29.18 34.64 2.23
N ARG A 71 -28.04 34.11 1.77
CA ARG A 71 -27.09 33.55 2.73
C ARG A 71 -26.63 34.65 3.70
N ILE A 72 -26.20 35.81 3.17
CA ILE A 72 -25.71 36.91 4.04
C ILE A 72 -26.76 37.41 5.01
N GLU A 73 -27.97 37.63 4.51
CA GLU A 73 -29.10 38.05 5.35
C GLU A 73 -29.28 37.08 6.52
N GLN A 74 -29.23 35.79 6.21
CA GLN A 74 -29.45 34.76 7.23
C GLN A 74 -28.37 34.63 8.29
N ASN A 75 -27.23 35.25 8.07
CA ASN A 75 -26.10 35.14 8.98
C ASN A 75 -25.63 36.53 9.39
N ALA A 76 -26.54 37.52 9.37
CA ALA A 76 -26.24 38.93 9.65
C ALA A 76 -25.68 39.28 11.06
N GLU A 77 -26.00 38.44 12.05
CA GLU A 77 -25.53 38.56 13.43
C GLU A 77 -24.15 37.86 13.67
N ARG A 78 -23.72 36.94 12.78
CA ARG A 78 -22.37 36.37 12.90
C ARG A 78 -21.27 37.35 12.50
N GLU A 79 -20.05 37.04 12.94
CA GLU A 79 -18.85 37.84 12.66
C GLU A 79 -17.92 37.19 11.67
N PHE A 80 -18.20 35.93 11.31
CA PHE A 80 -17.32 35.17 10.44
C PHE A 80 -18.15 34.15 9.62
N ILE A 81 -17.80 34.07 8.34
CA ILE A 81 -18.35 33.06 7.49
C ILE A 81 -17.36 32.80 6.36
N TYR A 82 -17.27 31.55 5.94
CA TYR A 82 -16.42 31.25 4.81
C TYR A 82 -17.15 31.68 3.54
N LEU A 83 -16.44 32.27 2.61
CA LEU A 83 -16.98 32.48 1.31
C LEU A 83 -16.51 31.32 0.45
N VAL A 84 -15.21 31.08 0.45
CA VAL A 84 -14.64 29.93 -0.25
C VAL A 84 -13.27 29.66 0.33
N ARG A 85 -12.96 28.40 0.51
CA ARG A 85 -11.65 27.94 1.02
C ARG A 85 -10.81 27.51 -0.17
N GLY A 86 -9.58 27.90 -0.19
CA GLY A 86 -8.58 27.18 -0.97
C GLY A 86 -8.35 27.59 -2.41
N LEU A 87 -8.70 28.81 -2.76
CA LEU A 87 -8.46 29.25 -4.13
C LEU A 87 -7.03 29.60 -4.23
N THR A 88 -6.57 29.78 -5.44
CA THR A 88 -5.23 30.18 -5.66
C THR A 88 -5.12 31.61 -5.17
N PRO A 89 -3.92 32.03 -4.73
CA PRO A 89 -3.68 33.45 -4.45
C PRO A 89 -4.03 34.42 -5.60
N GLU A 90 -3.96 33.97 -6.85
CA GLU A 90 -4.30 34.83 -8.01
C GLU A 90 -5.83 35.10 -8.00
N GLN A 91 -6.61 34.07 -7.76
CA GLN A 91 -8.06 34.20 -7.74
C GLN A 91 -8.56 34.99 -6.54
N GLY A 92 -7.92 34.83 -5.40
CA GLY A 92 -8.28 35.59 -4.18
C GLY A 92 -8.01 37.07 -4.33
N GLU A 93 -6.90 37.38 -4.99
CA GLU A 93 -6.57 38.73 -5.44
C GLU A 93 -7.71 39.32 -6.28
N GLY A 94 -8.26 38.55 -7.24
CA GLY A 94 -9.39 39.01 -8.05
C GLY A 94 -10.60 39.46 -7.21
N VAL A 95 -10.92 38.74 -6.13
CA VAL A 95 -12.08 39.11 -5.27
C VAL A 95 -11.68 40.27 -4.40
N ILE A 96 -10.52 40.18 -3.74
CA ILE A 96 -9.99 41.32 -2.94
C ILE A 96 -9.93 42.67 -3.66
N ALA A 97 -9.57 42.65 -4.94
CA ALA A 97 -9.53 43.84 -5.81
C ALA A 97 -10.89 44.62 -5.90
N LEU A 98 -12.01 43.93 -5.69
CA LEU A 98 -13.33 44.56 -5.62
C LEU A 98 -13.53 45.47 -4.43
N LYS A 99 -12.75 45.27 -3.36
CA LYS A 99 -12.75 46.19 -2.22
C LYS A 99 -14.10 46.24 -1.53
N VAL A 100 -14.73 45.09 -1.40
CA VAL A 100 -16.04 45.01 -0.78
C VAL A 100 -15.82 45.05 0.71
N PRO A 101 -16.44 46.02 1.42
CA PRO A 101 -16.31 46.06 2.88
C PRO A 101 -16.73 44.75 3.56
N GLY A 102 -15.88 44.27 4.47
CA GLY A 102 -16.24 43.07 5.23
C GLY A 102 -15.77 41.75 4.58
N VAL A 103 -15.00 41.87 3.49
CA VAL A 103 -14.38 40.71 2.81
C VAL A 103 -12.86 40.71 3.04
N TYR A 104 -12.37 39.56 3.50
CA TYR A 104 -10.95 39.40 3.94
C TYR A 104 -10.33 38.07 3.46
N SER A 105 -9.02 37.99 3.64
CA SER A 105 -8.11 36.95 3.14
C SER A 105 -7.56 36.22 4.32
N ILE A 106 -7.43 34.90 4.24
CA ILE A 106 -6.43 34.23 5.06
C ILE A 106 -5.49 33.43 4.12
N GLU A 107 -4.18 33.58 4.34
CA GLU A 107 -3.13 32.97 3.52
C GLU A 107 -2.95 31.64 4.22
N GLU A 108 -3.30 30.55 3.53
CA GLU A 108 -3.35 29.18 4.08
C GLU A 108 -2.50 28.25 3.17
N PHE A 109 -2.49 26.99 3.53
CA PHE A 109 -1.83 25.97 2.73
C PHE A 109 -2.77 24.83 2.45
N ARG A 110 -2.58 24.27 1.27
CA ARG A 110 -3.24 23.05 0.81
C ARG A 110 -2.24 22.16 0.05
N ARG A 111 -2.44 20.84 0.12
CA ARG A 111 -1.45 19.93 -0.51
C ARG A 111 -1.55 19.85 -2.04
N PHE A 112 -0.39 19.78 -2.67
CA PHE A 112 -0.33 19.31 -4.00
C PHE A 112 0.56 18.05 -4.06
N TYR A 113 0.19 17.10 -4.90
CA TYR A 113 0.85 15.79 -5.02
C TYR A 113 1.47 15.69 -6.45
N PRO A 114 2.72 16.04 -6.59
CA PRO A 114 3.24 16.15 -7.97
C PRO A 114 3.28 14.85 -8.73
N ALA A 115 3.38 13.68 -8.07
CA ALA A 115 3.28 12.45 -8.83
C ALA A 115 1.88 11.93 -9.04
N GLY A 116 0.89 12.62 -8.48
CA GLY A 116 -0.52 12.22 -8.62
C GLY A 116 -0.84 10.74 -8.37
N GLU A 117 -1.58 10.15 -9.32
CA GLU A 117 -2.04 8.80 -9.20
C GLU A 117 -0.91 7.76 -9.01
N VAL A 118 0.30 8.08 -9.50
CA VAL A 118 1.38 7.16 -9.45
C VAL A 118 1.73 6.69 -8.01
N VAL A 119 1.51 7.52 -6.99
CA VAL A 119 1.90 7.15 -5.67
C VAL A 119 0.83 7.47 -4.65
N ALA A 120 -0.41 7.50 -5.11
CA ALA A 120 -1.46 8.17 -4.40
C ALA A 120 -1.83 7.33 -3.19
N HIS A 121 -1.80 6.02 -3.33
CA HIS A 121 -2.24 5.15 -2.22
C HIS A 121 -1.22 5.15 -1.09
N ALA A 122 0.05 5.15 -1.44
CA ALA A 122 1.11 5.18 -0.43
C ALA A 122 1.20 6.52 0.29
N VAL A 123 1.17 7.63 -0.47
CA VAL A 123 1.30 8.95 0.14
C VAL A 123 0.03 9.31 0.89
N GLY A 124 -1.10 8.97 0.29
CA GLY A 124 -2.41 9.35 0.77
C GLY A 124 -2.73 10.78 0.48
N PHE A 125 -3.57 11.36 1.34
CA PHE A 125 -3.81 12.81 1.21
C PHE A 125 -4.42 13.41 2.48
N THR A 126 -4.45 14.72 2.48
CA THR A 126 -5.10 15.53 3.54
C THR A 126 -6.57 15.91 3.29
N ASP A 127 -7.31 16.22 4.38
CA ASP A 127 -8.69 16.72 4.28
C ASP A 127 -8.71 18.23 4.01
N VAL A 128 -9.90 18.84 4.00
CA VAL A 128 -10.06 20.32 3.82
C VAL A 128 -9.33 21.18 4.82
N ASP A 129 -9.16 20.65 6.03
CA ASP A 129 -8.46 21.30 7.11
C ASP A 129 -6.94 21.05 7.11
N ASP A 130 -6.40 20.35 6.08
CA ASP A 130 -4.91 20.17 5.98
C ASP A 130 -4.38 19.13 6.99
N ARG A 131 -5.27 18.26 7.49
CA ARG A 131 -4.89 17.17 8.42
C ARG A 131 -4.89 15.88 7.62
N GLY A 132 -3.92 14.99 7.92
CA GLY A 132 -3.86 13.70 7.23
C GLY A 132 -5.12 12.86 7.27
N ARG A 133 -5.55 12.33 6.12
CA ARG A 133 -6.76 11.55 6.01
C ARG A 133 -6.54 10.08 5.65
N GLU A 134 -5.57 9.81 4.78
CA GLU A 134 -5.18 8.46 4.31
C GLU A 134 -3.63 8.38 4.24
N GLY A 135 -3.14 7.14 4.21
CA GLY A 135 -1.76 6.79 3.91
C GLY A 135 -0.75 7.44 4.82
N ILE A 136 0.40 7.77 4.26
CA ILE A 136 1.49 8.39 4.98
C ILE A 136 1.04 9.72 5.60
N GLU A 137 0.14 10.42 4.93
CA GLU A 137 -0.23 11.77 5.38
C GLU A 137 -0.84 11.59 6.81
N LEU A 138 -1.64 10.56 6.94
CA LEU A 138 -2.30 10.19 8.20
C LEU A 138 -1.31 9.49 9.16
N ALA A 139 -0.61 8.46 8.68
CA ALA A 139 0.27 7.71 9.60
C ALA A 139 1.30 8.61 10.21
N PHE A 140 1.86 9.60 9.48
CA PHE A 140 2.84 10.51 10.02
C PHE A 140 2.30 11.92 10.23
N ASP A 141 1.04 12.02 10.58
CA ASP A 141 0.40 13.33 10.67
C ASP A 141 1.05 14.18 11.75
N GLU A 142 1.47 13.60 12.86
CA GLU A 142 2.07 14.43 13.91
C GLU A 142 3.38 15.02 13.51
N TRP A 143 4.20 14.23 12.85
CA TRP A 143 5.48 14.71 12.31
C TRP A 143 5.27 15.80 11.27
N LEU A 144 4.35 15.57 10.36
CA LEU A 144 4.13 16.44 9.17
C LEU A 144 3.39 17.72 9.47
N ALA A 145 2.39 17.62 10.33
CA ALA A 145 1.52 18.76 10.65
C ALA A 145 2.12 19.97 11.33
N GLY A 146 2.97 19.76 12.33
CA GLY A 146 3.53 20.87 13.06
C GLY A 146 2.47 21.45 14.00
N VAL A 147 2.66 22.69 14.42
CA VAL A 147 1.67 23.31 15.30
C VAL A 147 1.22 24.69 14.80
N PRO A 148 -0.09 24.91 14.71
CA PRO A 148 -0.57 26.22 14.33
C PRO A 148 -0.24 27.25 15.41
N GLY A 149 0.03 28.49 15.01
CA GLY A 149 0.28 29.55 15.98
C GLY A 149 -1.00 30.18 16.52
N LYS A 150 -0.82 31.20 17.34
CA LYS A 150 -1.97 31.85 17.97
C LYS A 150 -1.66 33.33 18.07
N ARG A 151 -2.62 34.14 17.64
CA ARG A 151 -2.49 35.59 17.71
C ARG A 151 -3.66 36.14 18.52
N GLN A 152 -3.34 37.02 19.49
CA GLN A 152 -4.34 37.71 20.33
C GLN A 152 -4.67 39.06 19.65
N VAL A 153 -5.95 39.26 19.29
CA VAL A 153 -6.43 40.49 18.67
C VAL A 153 -7.52 41.12 19.53
N LEU A 154 -7.68 42.43 19.39
CA LEU A 154 -8.80 43.17 20.01
C LEU A 154 -9.81 43.47 18.90
N LYS A 155 -11.07 43.20 19.16
CA LYS A 155 -12.15 43.42 18.22
C LYS A 155 -13.29 44.33 18.78
N ASP A 156 -13.90 45.14 17.89
CA ASP A 156 -15.02 46.09 18.23
C ASP A 156 -16.36 45.38 18.13
N ARG A 157 -17.47 46.11 18.23
CA ARG A 157 -18.79 45.47 18.39
C ARG A 157 -19.28 44.75 17.15
N ARG A 158 -18.71 45.06 16.00
CA ARG A 158 -19.00 44.32 14.78
C ARG A 158 -17.75 43.69 14.19
N GLY A 159 -17.10 42.88 15.05
CA GLY A 159 -16.06 41.94 14.68
C GLY A 159 -14.92 42.44 13.82
N ARG A 160 -14.66 43.73 13.89
CA ARG A 160 -13.61 44.37 13.11
C ARG A 160 -12.40 44.41 14.09
N VAL A 161 -11.23 43.99 13.61
CA VAL A 161 -10.02 43.98 14.46
C VAL A 161 -9.53 45.41 14.68
N ILE A 162 -9.44 45.83 15.93
CA ILE A 162 -8.93 47.15 16.30
C ILE A 162 -7.40 47.10 16.45
N LYS A 163 -6.85 45.97 16.90
CA LYS A 163 -5.41 45.83 17.04
C LYS A 163 -4.92 44.39 17.31
N ASP A 164 -3.70 44.10 16.83
CA ASP A 164 -2.95 42.86 17.07
C ASP A 164 -2.12 43.00 18.30
N VAL A 165 -2.56 42.40 19.39
CA VAL A 165 -1.96 42.66 20.70
C VAL A 165 -0.58 42.01 20.73
N GLN A 166 -0.57 40.69 20.54
CA GLN A 166 0.65 39.91 20.57
C GLN A 166 0.43 38.56 19.87
N VAL A 167 1.54 38.00 19.41
CA VAL A 167 1.60 36.60 19.04
C VAL A 167 1.71 35.85 20.37
N THR A 168 0.72 35.02 20.70
CA THR A 168 0.81 34.24 21.97
C THR A 168 1.62 32.91 21.81
N LYS A 169 1.52 32.28 20.63
CA LYS A 169 2.28 31.08 20.26
C LYS A 169 2.75 31.17 18.78
N ASN A 170 4.04 31.01 18.56
CA ASN A 170 4.57 31.03 17.21
C ASN A 170 4.12 29.78 16.47
N ALA A 171 3.81 29.93 15.19
CA ALA A 171 3.60 28.77 14.30
C ALA A 171 4.93 28.11 14.12
N LYS A 172 4.97 26.78 14.20
CA LYS A 172 6.19 26.05 13.84
C LYS A 172 5.89 25.08 12.67
N PRO A 173 6.72 25.09 11.60
CA PRO A 173 6.50 24.24 10.45
C PRO A 173 6.51 22.75 10.81
N GLY A 174 5.72 21.92 10.11
CA GLY A 174 5.93 20.45 10.24
C GLY A 174 7.30 20.03 9.68
N LYS A 175 7.66 18.75 9.83
CA LYS A 175 8.98 18.31 9.44
C LYS A 175 8.97 17.57 8.08
N THR A 176 10.03 17.75 7.32
CA THR A 176 10.25 16.96 6.07
C THR A 176 10.28 15.45 6.35
N LEU A 177 9.64 14.67 5.46
CA LEU A 177 9.68 13.19 5.61
C LEU A 177 10.06 12.54 4.27
N ALA A 178 11.11 11.76 4.29
CA ALA A 178 11.58 11.06 3.13
C ALA A 178 11.03 9.63 3.19
N LEU A 179 10.26 9.25 2.21
CA LEU A 179 9.79 7.87 2.16
C LEU A 179 10.89 6.93 1.69
N SER A 180 10.64 5.64 1.85
CA SER A 180 11.56 4.64 1.33
C SER A 180 11.38 4.39 -0.16
N ILE A 181 10.24 4.85 -0.71
CA ILE A 181 9.86 4.59 -2.02
C ILE A 181 10.84 5.32 -2.89
N ASP A 182 11.27 4.64 -3.93
CA ASP A 182 12.02 5.29 -5.09
C ASP A 182 11.02 5.53 -6.18
N LEU A 183 10.79 6.78 -6.47
CA LEU A 183 9.77 7.20 -7.43
C LEU A 183 10.02 6.64 -8.84
N ARG A 184 11.29 6.41 -9.15
CA ARG A 184 11.58 5.72 -10.40
C ARG A 184 11.12 4.30 -10.43
N LEU A 185 11.37 3.54 -9.39
CA LEU A 185 10.84 2.19 -9.30
C LEU A 185 9.33 2.21 -9.20
N GLN A 186 8.81 3.21 -8.48
CA GLN A 186 7.38 3.34 -8.29
C GLN A 186 6.69 3.54 -9.63
N TYR A 187 7.27 4.39 -10.48
CA TYR A 187 6.70 4.63 -11.76
C TYR A 187 6.71 3.33 -12.62
N LEU A 188 7.86 2.69 -12.67
CA LEU A 188 8.01 1.40 -13.39
C LEU A 188 6.96 0.45 -12.98
N ALA A 189 6.86 0.24 -11.65
CA ALA A 189 5.88 -0.65 -11.14
C ALA A 189 4.46 -0.26 -11.57
N HIS A 190 4.15 1.02 -11.39
CA HIS A 190 2.85 1.58 -11.74
C HIS A 190 2.47 1.20 -13.15
N ARG A 191 3.40 1.46 -14.09
CA ARG A 191 3.12 1.32 -15.45
C ARG A 191 2.91 -0.14 -15.85
N GLU A 192 3.75 -1.00 -15.30
CA GLU A 192 3.70 -2.43 -15.64
C GLU A 192 2.52 -3.12 -14.99
N LEU A 193 2.12 -2.73 -13.79
CA LEU A 193 0.90 -3.32 -13.22
C LEU A 193 -0.28 -2.83 -14.02
N ARG A 194 -0.22 -1.55 -14.44
CA ARG A 194 -1.33 -0.98 -15.21
C ARG A 194 -1.52 -1.78 -16.50
N ASN A 195 -0.43 -1.91 -17.27
CA ASN A 195 -0.41 -2.65 -18.54
C ASN A 195 -0.89 -4.06 -18.42
N ALA A 196 -0.42 -4.81 -17.42
CA ALA A 196 -0.87 -6.18 -17.25
C ALA A 196 -2.35 -6.28 -16.89
N LEU A 197 -2.82 -5.36 -16.08
CA LEU A 197 -4.25 -5.29 -15.72
C LEU A 197 -5.10 -5.15 -17.01
N LEU A 198 -4.67 -4.21 -17.86
CA LEU A 198 -5.38 -3.94 -19.13
C LEU A 198 -5.27 -5.11 -20.07
N GLU A 199 -4.08 -5.69 -20.19
CA GLU A 199 -3.89 -6.83 -21.05
C GLU A 199 -4.75 -8.02 -20.67
N ASN A 200 -5.06 -8.17 -19.38
CA ASN A 200 -5.76 -9.33 -18.87
C ASN A 200 -7.16 -9.04 -18.51
N GLY A 201 -7.63 -7.83 -18.81
CA GLY A 201 -8.98 -7.40 -18.45
C GLY A 201 -9.32 -7.71 -17.00
N ALA A 202 -8.37 -7.41 -16.09
CA ALA A 202 -8.48 -7.67 -14.68
C ALA A 202 -9.18 -6.56 -13.89
N LYS A 203 -9.77 -6.92 -12.74
CA LYS A 203 -10.55 -6.00 -11.92
C LYS A 203 -9.57 -5.05 -11.12
N ALA A 204 -8.48 -5.59 -10.58
CA ALA A 204 -7.67 -4.83 -9.64
C ALA A 204 -6.32 -5.52 -9.54
N GLY A 205 -5.37 -4.91 -8.87
CA GLY A 205 -4.20 -5.63 -8.40
C GLY A 205 -3.32 -4.79 -7.55
N SER A 206 -2.25 -5.40 -7.11
CA SER A 206 -1.19 -4.75 -6.29
C SER A 206 0.23 -5.25 -6.71
N LEU A 207 1.24 -4.43 -6.45
CA LEU A 207 2.55 -4.85 -6.52
C LEU A 207 3.33 -4.13 -5.45
N VAL A 208 4.17 -4.90 -4.76
CA VAL A 208 4.99 -4.42 -3.69
C VAL A 208 6.40 -4.87 -3.99
N ILE A 209 7.35 -3.92 -3.87
CA ILE A 209 8.76 -4.18 -3.92
C ILE A 209 9.39 -3.82 -2.62
N MET A 210 10.13 -4.79 -2.05
CA MET A 210 10.87 -4.55 -0.81
C MET A 210 12.39 -4.77 -0.97
N ASP A 211 13.18 -3.96 -0.24
CA ASP A 211 14.60 -4.19 -0.01
C ASP A 211 14.75 -5.24 1.04
N VAL A 212 15.32 -6.38 0.69
CA VAL A 212 15.30 -7.48 1.69
C VAL A 212 16.34 -7.25 2.85
N LYS A 213 17.29 -6.42 2.58
CA LYS A 213 18.36 -6.14 3.58
C LYS A 213 18.05 -4.98 4.55
N THR A 214 17.16 -4.06 4.18
CA THR A 214 16.80 -2.90 4.97
C THR A 214 15.36 -2.87 5.51
N GLY A 215 14.48 -3.73 4.99
CA GLY A 215 13.08 -3.72 5.28
C GLY A 215 12.27 -2.62 4.59
N GLU A 216 12.88 -1.87 3.65
CA GLU A 216 12.28 -0.73 3.03
C GLU A 216 11.30 -1.14 1.91
N ILE A 217 10.16 -0.48 1.88
CA ILE A 217 9.21 -0.57 0.74
C ILE A 217 9.75 0.32 -0.34
N LEU A 218 10.28 -0.26 -1.37
CA LEU A 218 10.78 0.54 -2.48
C LEU A 218 9.71 1.05 -3.50
N ALA A 219 8.60 0.29 -3.53
CA ALA A 219 7.45 0.54 -4.33
C ALA A 219 6.23 -0.19 -3.82
N MET A 220 5.12 0.50 -4.00
CA MET A 220 3.85 0.03 -3.57
C MET A 220 2.79 0.67 -4.48
N THR A 221 2.22 -0.11 -5.37
CA THR A 221 1.24 0.40 -6.35
C THR A 221 0.08 -0.51 -6.44
N ASN A 222 -1.07 0.10 -6.68
CA ASN A 222 -2.28 -0.62 -6.91
C ASN A 222 -3.04 -0.06 -8.05
N GLN A 223 -3.83 -0.97 -8.63
CA GLN A 223 -4.92 -0.63 -9.52
C GLN A 223 -6.27 -1.10 -8.99
N PRO A 224 -7.35 -0.30 -9.20
CA PRO A 224 -7.37 1.02 -9.78
C PRO A 224 -6.72 2.06 -8.86
N THR A 225 -6.29 3.17 -9.44
CA THR A 225 -5.82 4.30 -8.75
C THR A 225 -6.62 5.56 -9.09
N TYR A 226 -6.19 6.72 -8.60
CA TYR A 226 -6.96 7.95 -8.69
C TYR A 226 -6.02 9.12 -8.54
N ASN A 227 -6.46 10.29 -8.96
CA ASN A 227 -5.64 11.49 -8.87
C ASN A 227 -5.99 12.20 -7.60
N PRO A 228 -5.00 12.29 -6.68
CA PRO A 228 -5.33 12.87 -5.36
C PRO A 228 -5.47 14.39 -5.39
N ASN A 229 -5.09 15.03 -6.49
CA ASN A 229 -5.31 16.42 -6.67
C ASN A 229 -6.71 16.77 -7.21
N ASN A 230 -7.49 15.78 -7.53
CA ASN A 230 -8.84 16.01 -8.03
C ASN A 230 -9.73 14.91 -7.62
N ARG A 231 -10.19 14.93 -6.40
CA ARG A 231 -10.93 13.80 -5.88
C ARG A 231 -12.43 13.95 -6.08
N ARG A 232 -12.78 14.68 -7.10
CA ARG A 232 -14.15 14.89 -7.50
C ARG A 232 -14.73 13.56 -7.98
N ASN A 233 -14.10 12.90 -8.95
CA ASN A 233 -14.55 11.58 -9.38
C ASN A 233 -14.80 10.52 -8.33
N LEU A 234 -14.38 10.84 -7.12
CA LEU A 234 -14.99 10.37 -5.87
C LEU A 234 -14.95 8.86 -5.52
N GLN A 235 -14.62 7.98 -6.48
CA GLN A 235 -14.98 6.54 -6.37
C GLN A 235 -14.18 5.85 -5.25
N PRO A 236 -14.85 5.45 -4.16
CA PRO A 236 -14.21 4.83 -2.98
C PRO A 236 -13.30 3.67 -3.30
N ALA A 237 -13.73 2.84 -4.25
CA ALA A 237 -12.97 1.70 -4.72
C ALA A 237 -11.54 2.05 -5.15
N ALA A 238 -11.42 3.14 -5.92
CA ALA A 238 -10.17 3.59 -6.49
C ALA A 238 -9.24 4.11 -5.38
N MET A 239 -9.78 4.47 -4.23
CA MET A 239 -9.00 4.98 -3.13
C MET A 239 -8.37 3.91 -2.19
N ARG A 240 -8.64 2.64 -2.44
CA ARG A 240 -8.21 1.57 -1.54
C ARG A 240 -6.76 1.25 -1.78
N ASN A 241 -5.94 1.34 -0.71
CA ASN A 241 -4.56 0.90 -0.79
C ASN A 241 -4.58 -0.62 -0.65
N ARG A 242 -4.90 -1.29 -1.76
CA ARG A 242 -5.23 -2.71 -1.69
C ARG A 242 -4.09 -3.53 -1.08
N ALA A 243 -2.84 -3.16 -1.39
CA ALA A 243 -1.64 -3.88 -0.89
C ALA A 243 -1.63 -4.02 0.63
N MET A 244 -2.30 -3.09 1.31
CA MET A 244 -2.33 -3.04 2.76
C MET A 244 -3.67 -3.29 3.36
N ILE A 245 -4.74 -3.25 2.56
CA ILE A 245 -6.08 -3.36 3.15
C ILE A 245 -6.90 -4.49 2.58
N ASP A 246 -6.52 -5.05 1.44
CA ASP A 246 -7.31 -6.12 0.83
C ASP A 246 -6.66 -7.49 1.08
N VAL A 247 -7.33 -8.33 1.86
CA VAL A 247 -6.76 -9.59 2.24
C VAL A 247 -7.12 -10.61 1.19
N PHE A 248 -6.28 -11.63 1.00
CA PHE A 248 -6.61 -12.71 0.07
C PHE A 248 -5.96 -14.01 0.59
N GLU A 249 -6.44 -15.13 0.06
CA GLU A 249 -5.83 -16.42 0.36
C GLU A 249 -4.62 -16.59 -0.55
N PRO A 250 -3.42 -16.82 0.04
CA PRO A 250 -2.23 -16.77 -0.76
C PRO A 250 -1.95 -18.03 -1.62
N GLY A 251 -2.68 -19.09 -1.38
CA GLY A 251 -2.53 -20.31 -2.11
C GLY A 251 -1.10 -20.80 -2.21
N SER A 252 -0.71 -21.20 -3.40
CA SER A 252 0.53 -21.93 -3.56
C SER A 252 1.77 -21.06 -3.24
N THR A 253 1.58 -19.77 -3.08
CA THR A 253 2.66 -18.91 -2.73
C THR A 253 3.14 -19.12 -1.32
N VAL A 254 2.37 -19.80 -0.47
CA VAL A 254 2.93 -20.09 0.85
C VAL A 254 3.64 -21.45 0.96
N LYS A 255 3.58 -22.23 -0.10
CA LYS A 255 4.27 -23.55 -0.10
C LYS A 255 5.77 -23.53 0.30
N PRO A 256 6.54 -22.46 -0.07
CA PRO A 256 7.92 -22.36 0.45
C PRO A 256 8.08 -22.30 1.94
N PHE A 257 7.06 -21.80 2.61
CA PHE A 257 7.01 -21.77 4.08
C PHE A 257 6.71 -23.10 4.72
N SER A 258 5.76 -23.83 4.13
CA SER A 258 5.52 -25.24 4.47
C SER A 258 6.76 -26.05 4.26
N MET A 259 7.52 -25.77 3.18
CA MET A 259 8.68 -26.54 2.93
C MET A 259 9.80 -26.21 3.93
N SER A 260 9.88 -24.95 4.36
CA SER A 260 10.87 -24.55 5.33
C SER A 260 10.59 -25.30 6.63
N ALA A 261 9.31 -25.41 6.98
CA ALA A 261 8.94 -26.16 8.18
C ALA A 261 9.34 -27.65 7.98
N ALA A 262 9.12 -28.20 6.79
CA ALA A 262 9.59 -29.59 6.55
C ALA A 262 11.12 -29.81 6.71
N LEU A 263 11.90 -28.91 6.07
CA LEU A 263 13.36 -28.97 6.17
C LEU A 263 13.89 -28.79 7.56
N ALA A 264 13.16 -28.05 8.38
CA ALA A 264 13.57 -27.71 9.72
C ALA A 264 13.18 -28.82 10.69
N SER A 265 12.28 -29.69 10.28
CA SER A 265 11.76 -30.75 11.14
C SER A 265 12.76 -31.82 11.47
N GLY A 266 13.79 -32.01 10.68
CA GLY A 266 14.59 -33.20 10.78
C GLY A 266 14.18 -34.34 9.86
N ARG A 267 13.00 -34.27 9.28
CA ARG A 267 12.43 -35.40 8.54
C ARG A 267 12.48 -35.38 7.03
N TRP A 268 12.91 -34.27 6.45
CA TRP A 268 12.89 -34.09 4.98
C TRP A 268 14.15 -33.42 4.47
N LYS A 269 14.63 -33.89 3.33
CA LYS A 269 15.63 -33.15 2.53
C LYS A 269 15.11 -33.00 1.11
N PRO A 270 15.68 -32.06 0.30
CA PRO A 270 15.16 -31.75 -1.01
C PRO A 270 15.02 -32.97 -1.95
N SER A 271 15.95 -33.90 -1.86
CA SER A 271 15.96 -35.09 -2.71
C SER A 271 15.00 -36.20 -2.17
N ASP A 272 14.38 -36.04 -1.00
CA ASP A 272 13.38 -37.03 -0.62
C ASP A 272 12.21 -36.98 -1.62
N ILE A 273 11.46 -38.07 -1.66
CA ILE A 273 10.44 -38.31 -2.63
C ILE A 273 9.08 -38.42 -1.95
N VAL A 274 8.03 -37.93 -2.62
CA VAL A 274 6.64 -38.11 -2.23
C VAL A 274 5.90 -38.67 -3.45
N ASP A 275 5.00 -39.58 -3.15
CA ASP A 275 4.14 -40.22 -4.16
C ASP A 275 2.84 -39.43 -4.22
N VAL A 276 2.68 -38.73 -5.31
CA VAL A 276 1.49 -37.86 -5.47
C VAL A 276 0.46 -38.44 -6.38
N TYR A 277 0.67 -39.68 -6.82
CA TYR A 277 -0.36 -40.36 -7.70
C TYR A 277 -1.65 -40.59 -6.91
N PRO A 278 -2.82 -40.46 -7.53
CA PRO A 278 -3.06 -40.06 -8.91
C PRO A 278 -3.42 -38.58 -9.06
N GLY A 279 -2.78 -37.69 -8.27
CA GLY A 279 -3.09 -36.27 -8.40
C GLY A 279 -4.24 -35.80 -7.56
N THR A 280 -4.73 -36.68 -6.70
CA THR A 280 -5.81 -36.35 -5.79
C THR A 280 -5.61 -37.16 -4.54
N LEU A 281 -6.23 -36.74 -3.45
CA LEU A 281 -6.10 -37.47 -2.26
C LEU A 281 -7.30 -37.16 -1.44
N GLN A 282 -7.99 -38.19 -1.07
CA GLN A 282 -9.24 -38.11 -0.35
C GLN A 282 -8.98 -38.04 1.12
N ILE A 283 -9.61 -37.09 1.81
CA ILE A 283 -9.53 -36.93 3.26
C ILE A 283 -10.96 -36.78 3.79
N GLY A 284 -11.53 -37.91 4.24
CA GLY A 284 -12.96 -37.99 4.57
C GLY A 284 -13.81 -37.35 3.50
N ARG A 285 -14.51 -36.28 3.81
CA ARG A 285 -15.42 -35.69 2.82
C ARG A 285 -14.73 -34.76 1.84
N TYR A 286 -13.47 -34.39 2.08
CA TYR A 286 -12.81 -33.42 1.22
C TYR A 286 -11.76 -34.16 0.35
N THR A 287 -11.55 -33.67 -0.86
CA THR A 287 -10.54 -34.20 -1.77
C THR A 287 -9.55 -33.12 -2.12
N ILE A 288 -8.28 -33.37 -1.84
CA ILE A 288 -7.22 -32.45 -2.27
C ILE A 288 -6.95 -32.77 -3.71
N ARG A 289 -6.74 -31.79 -4.59
CA ARG A 289 -6.50 -32.04 -5.95
C ARG A 289 -5.37 -31.21 -6.52
N ASP A 290 -4.63 -31.79 -7.43
CA ASP A 290 -3.64 -31.06 -8.14
C ASP A 290 -4.19 -30.67 -9.49
N VAL A 291 -3.61 -29.65 -10.09
CA VAL A 291 -4.07 -29.23 -11.42
C VAL A 291 -3.48 -30.11 -12.48
N SER A 292 -2.24 -30.48 -12.34
CA SER A 292 -1.65 -31.40 -13.28
C SER A 292 -1.54 -32.76 -12.58
N ARG A 293 -2.05 -33.82 -13.20
CA ARG A 293 -2.22 -35.09 -12.51
C ARG A 293 -1.62 -36.26 -13.24
N ASN A 294 -0.42 -36.05 -13.83
CA ASN A 294 0.37 -37.08 -14.47
C ASN A 294 1.75 -37.30 -13.74
N SER A 295 1.67 -37.33 -12.42
CA SER A 295 2.83 -37.62 -11.58
C SER A 295 2.65 -38.72 -10.59
N ARG A 296 3.80 -39.37 -10.26
CA ARG A 296 3.88 -40.30 -9.18
C ARG A 296 4.92 -39.76 -8.19
N GLN A 297 6.15 -40.23 -8.30
CA GLN A 297 7.21 -39.74 -7.41
C GLN A 297 7.66 -38.39 -7.83
N LEU A 298 7.64 -37.49 -6.87
CA LEU A 298 8.25 -36.14 -7.05
C LEU A 298 9.18 -35.87 -5.89
N ASP A 299 10.34 -35.35 -6.20
CA ASP A 299 11.17 -34.78 -5.11
C ASP A 299 10.67 -33.42 -4.64
N LEU A 300 11.21 -32.93 -3.53
CA LEU A 300 10.67 -31.72 -2.90
C LEU A 300 10.74 -30.55 -3.81
N THR A 301 11.75 -30.45 -4.67
CA THR A 301 11.80 -29.38 -5.63
C THR A 301 10.69 -29.52 -6.63
N GLY A 302 10.53 -30.74 -7.11
CA GLY A 302 9.49 -31.03 -8.02
C GLY A 302 8.12 -30.76 -7.53
N ILE A 303 7.86 -31.02 -6.23
CA ILE A 303 6.61 -30.61 -5.67
C ILE A 303 6.34 -29.12 -5.83
N LEU A 304 7.34 -28.31 -5.64
CA LEU A 304 7.18 -26.89 -5.88
C LEU A 304 7.08 -26.55 -7.38
N ILE A 305 7.87 -27.19 -8.26
CA ILE A 305 7.81 -26.90 -9.70
C ILE A 305 6.48 -27.22 -10.33
N LYS A 306 5.93 -28.38 -10.01
CA LYS A 306 4.62 -28.78 -10.46
C LYS A 306 3.49 -28.20 -9.59
N SER A 307 3.83 -27.66 -8.45
CA SER A 307 2.91 -27.08 -7.52
C SER A 307 1.85 -28.10 -7.15
N SER A 308 2.27 -29.22 -6.61
CA SER A 308 1.39 -30.23 -6.11
C SER A 308 0.89 -29.99 -4.69
N ASN A 309 -0.40 -29.72 -4.60
CA ASN A 309 -1.08 -29.69 -3.31
C ASN A 309 -1.04 -30.98 -2.57
N VAL A 310 -1.21 -32.09 -3.34
CA VAL A 310 -1.16 -33.41 -2.73
C VAL A 310 0.23 -33.63 -2.08
N GLY A 311 1.30 -33.29 -2.79
CA GLY A 311 2.61 -33.55 -2.27
C GLY A 311 2.94 -32.72 -1.04
N ILE A 312 2.49 -31.46 -1.06
CA ILE A 312 2.74 -30.61 0.04
C ILE A 312 1.85 -31.05 1.23
N SER A 313 0.66 -31.55 0.93
CA SER A 313 -0.25 -32.07 1.96
C SER A 313 0.34 -33.31 2.70
N LYS A 314 0.93 -34.18 1.94
CA LYS A 314 1.48 -35.40 2.53
C LYS A 314 2.65 -35.05 3.40
N ILE A 315 3.42 -34.04 3.00
CA ILE A 315 4.51 -33.54 3.85
C ILE A 315 3.94 -32.95 5.14
N ALA A 316 2.94 -32.11 4.97
CA ALA A 316 2.31 -31.53 6.14
C ALA A 316 1.73 -32.55 7.14
N PHE A 317 1.12 -33.64 6.67
CA PHE A 317 0.67 -34.69 7.64
C PHE A 317 1.85 -35.31 8.36
N ASP A 318 2.96 -35.44 7.67
CA ASP A 318 4.13 -36.05 8.29
C ASP A 318 4.77 -35.18 9.39
N ILE A 319 4.88 -33.88 9.13
CA ILE A 319 5.57 -32.97 10.11
C ILE A 319 4.58 -32.35 11.09
N GLY A 320 3.30 -32.33 10.76
CA GLY A 320 2.27 -31.76 11.63
C GLY A 320 2.01 -30.27 11.34
N ALA A 321 0.78 -29.84 11.51
CA ALA A 321 0.43 -28.46 11.15
C ALA A 321 1.08 -27.42 12.04
N GLU A 322 1.38 -27.79 13.27
CA GLU A 322 1.93 -26.83 14.23
C GLU A 322 3.23 -26.19 13.69
N SER A 323 4.08 -27.00 13.08
CA SER A 323 5.35 -26.54 12.56
C SER A 323 5.14 -25.57 11.40
N ILE A 324 4.11 -25.81 10.61
CA ILE A 324 3.79 -24.96 9.47
C ILE A 324 3.16 -23.66 9.93
N TYR A 325 2.19 -23.76 10.85
CA TYR A 325 1.65 -22.60 11.47
C TYR A 325 2.74 -21.70 12.06
N SER A 326 3.77 -22.29 12.72
CA SER A 326 4.78 -21.50 13.39
C SER A 326 5.62 -20.73 12.40
N VAL A 327 6.03 -21.38 11.33
CA VAL A 327 6.71 -20.66 10.27
C VAL A 327 5.91 -19.46 9.72
N MET A 328 4.68 -19.70 9.30
CA MET A 328 3.86 -18.66 8.80
C MET A 328 3.71 -17.47 9.75
N GLN A 329 3.49 -17.77 11.00
CA GLN A 329 3.37 -16.77 11.98
C GLN A 329 4.67 -15.96 12.17
N GLN A 330 5.81 -16.64 12.22
CA GLN A 330 7.13 -16.03 12.44
C GLN A 330 7.51 -15.11 11.27
N VAL A 331 7.11 -15.50 10.07
CA VAL A 331 7.35 -14.57 8.90
C VAL A 331 6.30 -13.43 8.76
N GLY A 332 5.24 -13.42 9.61
CA GLY A 332 4.33 -12.34 9.61
C GLY A 332 3.02 -12.50 8.90
N LEU A 333 2.72 -13.68 8.39
CA LEU A 333 1.48 -13.85 7.66
C LEU A 333 0.28 -13.82 8.67
N GLY A 334 -0.68 -12.95 8.42
CA GLY A 334 -1.85 -12.86 9.34
C GLY A 334 -1.49 -12.22 10.65
N GLN A 335 -0.33 -11.56 10.74
CA GLN A 335 0.15 -11.02 11.99
C GLN A 335 0.21 -9.50 11.90
N ASP A 336 0.22 -8.86 13.06
CA ASP A 336 0.34 -7.41 13.10
C ASP A 336 1.77 -7.02 13.44
N THR A 337 2.71 -7.44 12.63
CA THR A 337 4.13 -7.28 12.92
C THR A 337 4.77 -6.61 11.67
N GLY A 338 3.95 -5.85 10.94
CA GLY A 338 4.35 -5.10 9.81
C GLY A 338 4.41 -3.65 10.21
N LEU A 339 4.06 -2.76 9.26
CA LEU A 339 4.06 -1.31 9.47
C LEU A 339 3.11 -0.92 10.56
N GLY A 340 1.94 -1.55 10.55
CA GLY A 340 0.87 -1.21 11.49
C GLY A 340 0.42 0.23 11.24
N PHE A 341 0.24 0.65 9.99
CA PHE A 341 -0.32 1.99 9.75
C PHE A 341 -1.80 2.03 10.04
N PRO A 342 -2.38 3.23 10.33
CA PRO A 342 -3.86 3.37 10.44
C PRO A 342 -4.60 2.97 9.16
N GLY A 343 -5.64 2.15 9.27
CA GLY A 343 -6.37 1.58 8.06
C GLY A 343 -5.88 0.19 7.60
N GLU A 344 -4.67 -0.18 7.98
CA GLU A 344 -4.05 -1.48 7.53
C GLU A 344 -4.78 -2.71 8.09
N ARG A 345 -5.03 -3.74 7.27
CA ARG A 345 -5.67 -4.96 7.69
C ARG A 345 -4.57 -5.94 8.11
N VAL A 346 -4.93 -6.81 9.05
CA VAL A 346 -4.00 -7.83 9.60
C VAL A 346 -4.20 -9.21 8.97
N GLY A 347 -5.38 -9.47 8.44
CA GLY A 347 -5.70 -10.78 7.92
C GLY A 347 -5.87 -11.77 9.04
N ASN A 348 -5.59 -13.05 8.78
CA ASN A 348 -5.87 -14.09 9.76
C ASN A 348 -5.19 -15.43 9.40
N LEU A 349 -4.53 -16.00 10.40
CA LEU A 349 -3.92 -17.32 10.36
C LEU A 349 -4.76 -18.17 11.33
N PRO A 350 -5.51 -19.16 10.83
CA PRO A 350 -6.33 -20.08 11.66
C PRO A 350 -5.44 -20.85 12.66
N ASN A 351 -5.96 -21.11 13.87
CA ASN A 351 -5.24 -21.91 14.85
C ASN A 351 -6.12 -22.96 15.42
N HIS A 352 -5.48 -24.11 15.72
CA HIS A 352 -6.13 -25.25 16.30
C HIS A 352 -5.26 -25.84 17.37
N ARG A 353 -5.89 -26.49 18.33
CA ARG A 353 -5.17 -27.26 19.29
C ARG A 353 -4.95 -28.59 18.64
N LYS A 354 -6.00 -29.18 18.09
CA LYS A 354 -5.84 -30.38 17.26
C LYS A 354 -6.24 -30.03 15.87
N TRP A 355 -5.25 -30.05 14.95
CA TRP A 355 -5.52 -29.75 13.57
C TRP A 355 -6.19 -30.95 12.89
N PRO A 356 -7.42 -30.82 12.39
CA PRO A 356 -7.90 -31.87 11.52
C PRO A 356 -7.14 -31.92 10.19
N LYS A 357 -7.23 -33.04 9.52
CA LYS A 357 -6.40 -33.24 8.33
C LYS A 357 -6.67 -32.27 7.18
N ALA A 358 -7.92 -32.01 6.90
CA ALA A 358 -8.31 -31.05 5.88
C ALA A 358 -7.70 -29.65 6.10
N GLU A 359 -7.77 -29.19 7.35
CA GLU A 359 -7.24 -27.87 7.74
C GLU A 359 -5.71 -27.84 7.69
N THR A 360 -5.06 -28.95 8.10
CA THR A 360 -3.62 -29.09 7.97
C THR A 360 -3.17 -28.95 6.50
N ALA A 361 -3.79 -29.72 5.61
CA ALA A 361 -3.44 -29.71 4.18
C ALA A 361 -3.73 -28.32 3.56
N THR A 362 -4.95 -27.80 3.72
CA THR A 362 -5.27 -26.48 3.17
C THR A 362 -4.34 -25.36 3.69
N LEU A 363 -4.04 -25.35 4.96
CA LEU A 363 -3.03 -24.34 5.45
C LEU A 363 -1.70 -24.45 4.64
N ALA A 364 -1.21 -25.70 4.47
CA ALA A 364 0.06 -25.96 3.86
C ALA A 364 0.08 -25.51 2.44
N TYR A 365 -1.07 -25.56 1.73
CA TYR A 365 -1.07 -25.06 0.39
C TYR A 365 -1.85 -23.76 0.19
N GLY A 366 -2.19 -23.09 1.29
CA GLY A 366 -2.49 -21.67 1.22
C GLY A 366 -3.94 -21.20 1.19
N TYR A 367 -4.85 -21.98 1.78
CA TYR A 367 -6.25 -21.61 1.95
C TYR A 367 -6.58 -21.76 3.43
N GLY A 368 -7.59 -21.00 3.85
CA GLY A 368 -8.00 -20.99 5.24
C GLY A 368 -7.19 -19.96 6.00
N LEU A 369 -6.27 -19.25 5.33
CA LEU A 369 -5.65 -18.07 5.91
C LEU A 369 -5.86 -16.88 5.00
N SER A 370 -5.72 -15.67 5.53
CA SER A 370 -5.82 -14.54 4.66
C SER A 370 -4.73 -13.55 5.05
N VAL A 371 -4.07 -12.99 4.02
CA VAL A 371 -2.89 -12.15 4.19
C VAL A 371 -3.03 -10.98 3.21
N THR A 372 -2.18 -9.98 3.41
CA THR A 372 -2.14 -8.83 2.53
C THR A 372 -0.92 -8.99 1.65
N ALA A 373 -0.80 -8.20 0.59
CA ALA A 373 0.34 -8.28 -0.29
C ALA A 373 1.61 -7.80 0.42
N ILE A 374 1.49 -6.79 1.27
CA ILE A 374 2.62 -6.38 2.08
C ILE A 374 3.10 -7.51 2.96
N GLN A 375 2.23 -8.19 3.70
CA GLN A 375 2.68 -9.32 4.43
C GLN A 375 3.43 -10.37 3.58
N LEU A 376 2.85 -10.72 2.46
CA LEU A 376 3.42 -11.73 1.67
C LEU A 376 4.80 -11.31 1.15
N ALA A 377 4.96 -10.04 0.80
CA ALA A 377 6.24 -9.47 0.41
C ALA A 377 7.26 -9.55 1.54
N HIS A 378 6.81 -9.21 2.74
CA HIS A 378 7.70 -9.19 3.92
C HIS A 378 8.19 -10.61 4.25
N ALA A 379 7.31 -11.57 4.05
CA ALA A 379 7.65 -12.98 4.26
C ALA A 379 8.70 -13.44 3.28
N TYR A 380 8.47 -13.11 2.04
CA TYR A 380 9.46 -13.35 0.98
C TYR A 380 10.80 -12.66 1.22
N ALA A 381 10.77 -11.44 1.79
CA ALA A 381 11.98 -10.74 2.11
C ALA A 381 12.77 -11.48 3.17
N ALA A 382 12.09 -12.00 4.20
CA ALA A 382 12.80 -12.75 5.22
C ALA A 382 13.44 -14.04 4.66
N LEU A 383 12.73 -14.76 3.79
CA LEU A 383 13.26 -15.93 3.16
C LEU A 383 14.49 -15.60 2.30
N ALA A 384 14.39 -14.51 1.56
CA ALA A 384 15.43 -14.06 0.64
C ALA A 384 16.68 -13.56 1.46
N ASN A 385 16.44 -12.99 2.63
CA ASN A 385 17.51 -12.42 3.49
C ASN A 385 18.05 -13.51 4.45
N ASP A 386 18.22 -14.75 3.94
CA ASP A 386 18.76 -15.89 4.65
C ASP A 386 18.00 -16.12 5.98
N GLY A 387 16.70 -15.96 5.90
CA GLY A 387 15.80 -16.30 7.04
C GLY A 387 15.66 -15.22 8.07
N LYS A 388 16.29 -14.06 7.83
CA LYS A 388 16.21 -12.95 8.78
C LYS A 388 15.23 -11.85 8.31
N SER A 389 14.29 -11.55 9.18
CA SER A 389 13.25 -10.57 8.95
C SER A 389 13.64 -9.22 9.49
N VAL A 390 14.01 -8.28 8.61
CA VAL A 390 14.27 -6.89 8.98
C VAL A 390 12.92 -6.15 9.07
N PRO A 391 12.66 -5.40 10.16
CA PRO A 391 11.39 -4.68 10.36
C PRO A 391 11.06 -3.83 9.15
N LEU A 392 9.79 -3.87 8.74
CA LEU A 392 9.31 -3.10 7.65
C LEU A 392 9.37 -1.63 7.89
N SER A 393 9.67 -0.83 6.85
CA SER A 393 9.55 0.63 6.92
C SER A 393 9.04 1.19 5.58
N MET A 394 8.19 2.20 5.69
CA MET A 394 7.83 3.09 4.56
C MET A 394 8.59 4.40 4.49
N THR A 395 9.49 4.62 5.42
CA THR A 395 10.32 5.82 5.44
C THR A 395 11.74 5.39 5.18
N ARG A 396 12.54 6.30 4.58
CA ARG A 396 13.91 5.97 4.32
C ARG A 396 14.67 5.51 5.62
N VAL A 397 15.33 4.38 5.51
CA VAL A 397 16.12 3.73 6.56
C VAL A 397 17.59 4.02 6.30
N ASP A 398 18.17 4.86 7.15
CA ASP A 398 19.60 5.17 7.14
C ASP A 398 20.32 4.25 8.09
N ARG A 399 19.71 3.96 9.26
CA ARG A 399 20.27 3.05 10.19
C ARG A 399 19.36 1.87 10.27
N VAL A 400 19.84 0.73 9.77
CA VAL A 400 19.01 -0.47 9.62
C VAL A 400 18.87 -1.12 10.98
N PRO A 401 17.63 -1.35 11.44
CA PRO A 401 17.48 -2.05 12.71
C PRO A 401 17.85 -3.52 12.59
N ASP A 402 18.04 -4.16 13.73
CA ASP A 402 18.40 -5.56 13.77
C ASP A 402 17.23 -6.43 13.24
N GLY A 403 17.60 -7.38 12.40
CA GLY A 403 16.68 -8.42 11.91
C GLY A 403 16.48 -9.53 12.96
N VAL A 404 15.37 -10.21 12.87
CA VAL A 404 15.07 -11.33 13.73
C VAL A 404 15.14 -12.60 12.86
N GLN A 405 15.90 -13.60 13.34
CA GLN A 405 16.06 -14.84 12.61
C GLN A 405 14.77 -15.63 12.73
N VAL A 406 14.01 -15.72 11.66
CA VAL A 406 12.69 -16.38 11.68
C VAL A 406 12.74 -17.77 11.05
N ILE A 407 13.64 -18.00 10.10
CA ILE A 407 13.90 -19.33 9.54
C ILE A 407 15.42 -19.51 9.62
N SER A 408 15.91 -20.75 9.82
CA SER A 408 17.33 -20.94 10.09
C SER A 408 18.04 -20.56 8.77
N PRO A 409 19.23 -19.96 8.82
CA PRO A 409 19.92 -19.57 7.55
C PRO A 409 20.11 -20.70 6.57
N GLU A 410 20.43 -21.89 7.05
CA GLU A 410 20.63 -23.03 6.13
C GLU A 410 19.31 -23.46 5.46
N VAL A 411 18.25 -23.55 6.22
CA VAL A 411 16.96 -23.86 5.65
C VAL A 411 16.57 -22.78 4.61
N ALA A 412 16.83 -21.49 4.92
CA ALA A 412 16.38 -20.43 4.08
C ALA A 412 17.20 -20.53 2.78
N SER A 413 18.47 -20.84 2.93
CA SER A 413 19.32 -20.92 1.73
C SER A 413 18.86 -22.13 0.85
N THR A 414 18.44 -23.20 1.49
CA THR A 414 18.05 -24.41 0.72
C THR A 414 16.75 -24.08 -0.05
N VAL A 415 15.80 -23.48 0.65
CA VAL A 415 14.57 -23.08 0.00
C VAL A 415 14.77 -22.03 -1.10
N GLN A 416 15.65 -21.08 -0.90
CA GLN A 416 16.06 -20.20 -2.01
C GLN A 416 16.43 -20.96 -3.28
N GLY A 417 17.24 -21.99 -3.13
CA GLY A 417 17.83 -22.66 -4.33
C GLY A 417 16.67 -23.44 -4.94
N MET A 418 15.72 -23.94 -4.13
CA MET A 418 14.52 -24.57 -4.68
C MET A 418 13.69 -23.61 -5.50
N LEU A 419 13.45 -22.40 -4.98
CA LEU A 419 12.71 -21.39 -5.68
C LEU A 419 13.40 -20.90 -6.94
N GLN A 420 14.73 -20.94 -6.94
CA GLN A 420 15.48 -20.60 -8.20
C GLN A 420 15.18 -21.73 -9.24
N GLN A 421 15.19 -22.99 -8.82
CA GLN A 421 14.73 -24.09 -9.75
C GLN A 421 13.27 -23.95 -10.26
N VAL A 422 12.38 -23.51 -9.34
CA VAL A 422 11.02 -23.22 -9.76
C VAL A 422 10.96 -22.27 -10.95
N VAL A 423 11.83 -21.29 -10.97
CA VAL A 423 11.90 -20.33 -12.08
C VAL A 423 12.72 -20.83 -13.27
N GLU A 424 13.81 -21.53 -12.99
CA GLU A 424 14.83 -21.87 -14.02
C GLU A 424 14.69 -23.25 -14.56
N ALA A 425 13.99 -24.15 -13.87
CA ALA A 425 14.00 -25.59 -14.32
C ALA A 425 12.98 -25.82 -15.38
N GLN A 426 13.14 -26.96 -16.06
CA GLN A 426 12.20 -27.42 -17.07
C GLN A 426 10.86 -27.58 -16.43
N GLY A 427 9.79 -27.12 -17.09
CA GLY A 427 8.47 -27.16 -16.46
C GLY A 427 8.17 -26.06 -15.44
N GLY A 428 9.15 -25.22 -15.14
CA GLY A 428 9.00 -24.10 -14.17
C GLY A 428 8.34 -22.85 -14.73
N VAL A 429 8.49 -21.76 -13.98
CA VAL A 429 7.76 -20.54 -14.26
C VAL A 429 8.74 -19.70 -15.09
N PHE A 430 8.99 -20.14 -16.30
CA PHE A 430 9.95 -19.45 -17.17
C PHE A 430 9.66 -17.96 -17.41
N ARG A 431 8.41 -17.54 -17.40
CA ARG A 431 8.10 -16.17 -17.60
C ARG A 431 8.58 -15.23 -16.49
N ALA A 432 8.98 -15.78 -15.34
CA ALA A 432 9.50 -15.02 -14.21
C ALA A 432 11.02 -14.80 -14.35
N GLN A 433 11.62 -15.45 -15.33
CA GLN A 433 13.06 -15.26 -15.55
C GLN A 433 13.38 -13.82 -15.79
N VAL A 434 14.49 -13.35 -15.19
CA VAL A 434 14.93 -11.96 -15.30
C VAL A 434 16.23 -11.89 -16.13
N PRO A 435 16.15 -11.35 -17.35
CA PRO A 435 17.37 -11.26 -18.17
C PRO A 435 18.47 -10.63 -17.39
N GLY A 436 19.60 -11.28 -17.38
CA GLY A 436 20.80 -10.83 -16.70
C GLY A 436 21.08 -11.48 -15.37
N TYR A 437 20.02 -11.99 -14.73
CA TYR A 437 20.10 -12.41 -13.34
C TYR A 437 19.47 -13.80 -13.13
N HIS A 438 19.83 -14.38 -12.00
CA HIS A 438 19.12 -15.53 -11.48
C HIS A 438 18.02 -14.99 -10.64
N ALA A 439 16.81 -15.47 -10.85
CA ALA A 439 15.68 -15.06 -10.01
C ALA A 439 15.04 -16.29 -9.44
N ALA A 440 14.27 -16.10 -8.38
CA ALA A 440 13.65 -17.23 -7.66
C ALA A 440 12.29 -16.80 -7.22
N GLY A 441 11.35 -17.71 -7.24
CA GLY A 441 10.02 -17.47 -6.63
C GLY A 441 9.01 -18.57 -6.84
N LYS A 442 7.74 -18.24 -6.65
CA LYS A 442 6.67 -19.17 -6.66
C LYS A 442 5.41 -18.55 -7.23
N SER A 443 4.77 -19.27 -8.15
CA SER A 443 3.47 -18.86 -8.68
C SER A 443 2.35 -19.34 -7.75
N GLY A 444 1.20 -18.71 -7.86
CA GLY A 444 -0.01 -19.11 -7.18
C GLY A 444 -1.21 -18.74 -8.05
N THR A 445 -2.28 -19.49 -7.87
CA THR A 445 -3.58 -19.23 -8.52
C THR A 445 -4.62 -19.70 -7.52
N ALA A 446 -5.51 -18.83 -7.08
CA ALA A 446 -6.52 -19.23 -6.08
C ALA A 446 -7.92 -18.85 -6.61
N ARG A 447 -8.87 -19.77 -6.51
CA ARG A 447 -10.30 -19.45 -6.77
C ARG A 447 -10.73 -18.51 -5.64
N LYS A 448 -11.53 -17.49 -5.95
CA LYS A 448 -11.89 -16.50 -4.94
C LYS A 448 -13.08 -17.06 -4.15
N VAL A 449 -13.17 -16.62 -2.90
CA VAL A 449 -14.25 -17.08 -2.01
C VAL A 449 -15.58 -16.50 -2.51
N SER A 450 -16.59 -17.35 -2.61
CA SER A 450 -17.89 -16.92 -3.14
C SER A 450 -18.45 -15.81 -2.26
N VAL A 451 -19.04 -14.79 -2.91
CA VAL A 451 -19.29 -13.48 -2.27
C VAL A 451 -20.35 -13.65 -1.16
N GLY A 452 -21.57 -14.05 -1.55
CA GLY A 452 -22.62 -14.52 -0.62
C GLY A 452 -22.20 -15.79 0.15
N THR A 453 -21.37 -15.49 1.15
CA THR A 453 -20.87 -16.43 2.14
C THR A 453 -20.30 -17.64 1.44
N LYS A 454 -20.73 -18.80 1.90
CA LYS A 454 -20.40 -20.07 1.29
C LYS A 454 -18.98 -20.59 1.15
N GLY A 455 -18.69 -20.85 -0.11
CA GLY A 455 -17.52 -21.64 -0.61
C GLY A 455 -16.69 -20.91 -1.68
N TYR A 456 -16.39 -21.57 -2.80
CA TYR A 456 -15.56 -20.96 -3.88
C TYR A 456 -16.29 -20.75 -5.21
N ARG A 457 -15.83 -19.79 -6.00
CA ARG A 457 -16.39 -19.54 -7.35
C ARG A 457 -15.50 -20.20 -8.39
N GLU A 458 -16.13 -20.92 -9.31
CA GLU A 458 -15.39 -21.68 -10.32
C GLU A 458 -14.98 -20.78 -11.49
N ASN A 459 -15.54 -19.58 -11.54
CA ASN A 459 -15.25 -18.64 -12.61
C ASN A 459 -14.10 -17.70 -12.30
N ALA A 460 -13.91 -17.34 -11.03
CA ALA A 460 -13.10 -16.16 -10.63
C ALA A 460 -11.85 -16.48 -9.76
N TYR A 461 -10.72 -15.85 -10.15
CA TYR A 461 -9.38 -16.18 -9.68
C TYR A 461 -8.60 -14.96 -9.17
N CYS A 462 -7.69 -15.22 -8.24
CA CYS A 462 -6.57 -14.35 -7.87
C CYS A 462 -5.27 -14.94 -8.42
N SER A 463 -4.56 -14.16 -9.25
CA SER A 463 -3.36 -14.59 -9.93
C SER A 463 -2.04 -14.03 -9.28
N LEU A 464 -1.18 -14.89 -8.77
CA LEU A 464 -0.05 -14.46 -7.93
C LEU A 464 1.30 -14.87 -8.46
N PHE A 465 2.29 -14.02 -8.18
CA PHE A 465 3.65 -14.46 -8.21
C PHE A 465 4.41 -13.70 -7.13
N ALA A 466 5.29 -14.41 -6.43
CA ALA A 466 6.16 -13.80 -5.38
C ALA A 466 7.55 -14.35 -5.53
N GLY A 467 8.51 -13.47 -5.43
CA GLY A 467 9.86 -13.90 -5.59
C GLY A 467 10.89 -12.88 -5.20
N PHE A 468 12.15 -13.21 -5.52
CA PHE A 468 13.26 -12.32 -5.14
C PHE A 468 14.42 -12.54 -6.17
N ALA A 469 15.34 -11.65 -6.10
CA ALA A 469 16.53 -11.62 -6.99
C ALA A 469 17.58 -10.64 -6.48
N PRO A 470 18.85 -10.80 -6.87
CA PRO A 470 19.39 -11.97 -7.60
C PRO A 470 19.40 -13.18 -6.68
N ALA A 471 19.06 -14.35 -7.21
CA ALA A 471 18.92 -15.55 -6.41
C ALA A 471 20.13 -15.89 -5.57
N THR A 472 21.31 -15.52 -6.04
CA THR A 472 22.55 -15.88 -5.38
C THR A 472 23.19 -14.78 -4.49
N ASP A 473 22.80 -13.50 -4.57
CA ASP A 473 22.92 -12.60 -3.40
C ASP A 473 21.63 -11.73 -3.42
N PRO A 474 20.58 -12.17 -2.66
CA PRO A 474 19.29 -11.46 -2.82
C PRO A 474 19.28 -10.01 -2.38
N ARG A 475 18.59 -9.17 -3.13
CA ARG A 475 18.51 -7.73 -2.89
C ARG A 475 17.07 -7.25 -2.71
N ILE A 476 16.19 -7.78 -3.57
CA ILE A 476 14.83 -7.33 -3.78
C ILE A 476 13.83 -8.47 -3.69
N ALA A 477 12.76 -8.28 -2.90
CA ALA A 477 11.61 -9.18 -2.93
C ALA A 477 10.40 -8.49 -3.54
N MET A 478 9.55 -9.22 -4.24
CA MET A 478 8.43 -8.63 -4.96
C MET A 478 7.24 -9.54 -5.03
N VAL A 479 6.04 -8.95 -4.87
CA VAL A 479 4.81 -9.67 -5.02
C VAL A 479 3.95 -8.96 -6.04
N VAL A 480 3.31 -9.76 -6.90
CA VAL A 480 2.41 -9.29 -7.88
C VAL A 480 1.12 -10.09 -7.75
N VAL A 481 0.02 -9.36 -7.52
CA VAL A 481 -1.25 -9.89 -7.21
C VAL A 481 -2.27 -9.24 -8.16
N ILE A 482 -2.94 -10.06 -8.98
CA ILE A 482 -3.81 -9.53 -10.02
C ILE A 482 -5.13 -10.21 -9.82
N ASP A 483 -6.17 -9.41 -9.66
CA ASP A 483 -7.43 -9.89 -9.14
C ASP A 483 -8.38 -10.06 -10.37
N GLU A 484 -8.92 -11.27 -10.55
CA GLU A 484 -9.88 -11.61 -11.63
C GLU A 484 -9.42 -11.26 -13.03
N PRO A 485 -8.26 -11.78 -13.43
CA PRO A 485 -7.93 -11.67 -14.85
C PRO A 485 -9.01 -12.49 -15.64
N SER A 486 -9.34 -11.97 -16.81
CA SER A 486 -10.57 -12.33 -17.54
C SER A 486 -10.29 -13.12 -18.84
N LYS A 487 -9.04 -13.39 -19.21
CA LYS A 487 -8.68 -14.14 -20.42
C LYS A 487 -8.48 -15.64 -20.17
N ALA A 488 -8.30 -16.38 -21.28
CA ALA A 488 -8.10 -17.85 -21.26
C ALA A 488 -7.05 -18.30 -20.24
N GLY A 489 -5.89 -17.65 -20.28
CA GLY A 489 -4.78 -17.98 -19.41
C GLY A 489 -4.91 -17.14 -18.18
N TYR A 490 -5.21 -17.73 -17.01
CA TYR A 490 -5.38 -16.97 -15.77
C TYR A 490 -4.38 -17.39 -14.66
N PHE A 491 -3.54 -18.35 -14.97
CA PHE A 491 -2.58 -18.86 -13.99
C PHE A 491 -1.58 -17.77 -13.56
N GLY A 492 -1.26 -17.75 -12.26
CA GLY A 492 -0.14 -16.87 -11.76
C GLY A 492 1.11 -16.79 -12.64
N GLY A 493 1.56 -17.92 -13.11
CA GLY A 493 2.72 -17.94 -13.99
C GLY A 493 2.58 -17.35 -15.36
N LEU A 494 1.33 -17.22 -15.84
CA LEU A 494 1.06 -16.56 -17.10
C LEU A 494 0.80 -15.08 -16.85
N VAL A 495 0.05 -14.77 -15.82
CA VAL A 495 -0.50 -13.44 -15.63
C VAL A 495 0.50 -12.54 -14.87
N SER A 496 1.02 -13.06 -13.75
CA SER A 496 1.73 -12.22 -12.80
C SER A 496 3.26 -12.30 -12.98
N ALA A 497 3.74 -13.48 -13.33
CA ALA A 497 5.14 -13.73 -13.42
C ALA A 497 5.82 -12.80 -14.50
N PRO A 498 5.15 -12.55 -15.62
CA PRO A 498 5.85 -11.59 -16.54
C PRO A 498 5.99 -10.18 -15.98
N VAL A 499 5.07 -9.74 -15.10
CA VAL A 499 5.14 -8.41 -14.48
C VAL A 499 6.35 -8.41 -13.54
N PHE A 500 6.50 -9.50 -12.78
CA PHE A 500 7.68 -9.72 -11.93
C PHE A 500 8.95 -9.59 -12.73
N SER A 501 8.97 -10.28 -13.87
CA SER A 501 10.15 -10.23 -14.74
C SER A 501 10.54 -8.81 -15.11
N LYS A 502 9.62 -8.13 -15.73
CA LYS A 502 9.88 -6.76 -16.19
C LYS A 502 10.18 -5.82 -15.09
N VAL A 503 9.41 -5.86 -13.97
CA VAL A 503 9.69 -4.87 -12.91
C VAL A 503 10.91 -5.23 -12.13
N MET A 504 11.15 -6.51 -11.93
CA MET A 504 12.41 -6.87 -11.27
C MET A 504 13.63 -6.42 -12.15
N ALA A 505 13.53 -6.69 -13.43
CA ALA A 505 14.67 -6.28 -14.35
C ALA A 505 15.03 -4.78 -14.20
N GLY A 506 13.97 -3.96 -14.26
CA GLY A 506 14.10 -2.52 -14.17
C GLY A 506 14.63 -2.05 -12.84
N ALA A 507 14.11 -2.64 -11.77
CA ALA A 507 14.53 -2.31 -10.47
C ALA A 507 15.99 -2.65 -10.15
N LEU A 508 16.42 -3.85 -10.54
CA LEU A 508 17.80 -4.25 -10.36
C LEU A 508 18.68 -3.31 -11.17
N ARG A 509 18.25 -2.91 -12.34
CA ARG A 509 19.10 -2.02 -13.19
C ARG A 509 19.09 -0.63 -12.57
N LEU A 510 17.94 -0.16 -12.11
CA LEU A 510 17.89 1.15 -11.44
C LEU A 510 18.80 1.23 -10.24
N MET A 511 18.91 0.12 -9.48
CA MET A 511 19.74 0.04 -8.29
C MET A 511 21.18 -0.35 -8.55
N ASN A 512 21.54 -0.45 -9.82
CA ASN A 512 22.90 -0.83 -10.23
C ASN A 512 23.36 -2.17 -9.66
N VAL A 513 22.44 -3.13 -9.60
CA VAL A 513 22.79 -4.37 -9.04
C VAL A 513 23.56 -5.14 -10.12
N PRO A 514 24.73 -5.72 -9.74
CA PRO A 514 25.49 -6.36 -10.80
C PRO A 514 24.83 -7.68 -11.16
N PRO A 515 24.81 -8.00 -12.45
CA PRO A 515 24.35 -9.30 -12.93
C PRO A 515 25.03 -10.44 -12.26
N ASP A 516 24.29 -11.49 -11.94
CA ASP A 516 24.86 -12.65 -11.32
C ASP A 516 24.72 -13.91 -12.17
N ASN A 517 24.01 -13.86 -13.29
CA ASN A 517 23.96 -14.98 -14.23
C ASN A 517 25.05 -14.70 -15.28
N LEU A 518 26.27 -15.07 -14.93
CA LEU A 518 27.47 -14.88 -15.76
C LEU A 518 28.14 -16.25 -16.00
N PRO A 519 28.81 -16.46 -17.18
CA PRO A 519 29.50 -17.76 -17.44
C PRO A 519 30.48 -18.05 -16.33
N THR A 520 30.47 -19.30 -15.84
CA THR A 520 31.14 -19.68 -14.58
C THR A 520 32.62 -19.22 -14.48
N ALA A 521 32.80 -18.04 -13.87
CA ALA A 521 34.10 -17.44 -13.55
C ALA A 521 34.17 -17.32 -12.04
S JPP B . -2.16 -25.09 -9.15
O01 JPP B . -1.71 -21.93 -5.93
O02 JPP B . -0.29 -21.02 -10.52
O03 JPP B . 1.16 -22.28 -9.70
O06 JPP B . -4.55 -25.53 -6.52
O04 JPP B . -7.93 -22.58 -5.60
O05 JPP B . -7.40 -26.21 -4.45
O JPP B . -8.58 -27.01 -2.31
N02 JPP B . -0.44 -23.43 -8.07
N03 JPP B . -3.45 -23.64 -6.84
N04 JPP B . -6.89 -24.37 -6.01
N01 JPP B . -8.41 -24.23 -4.31
N JPP B . -9.79 -25.21 -2.20
C17 JPP B . -1.28 -24.54 -7.70
C19 JPP B . -1.57 -23.83 -10.19
C18 JPP B . -1.02 -22.78 -9.21
C20 JPP B . -2.11 -24.09 -6.50
C01 JPP B . -1.30 -23.04 -5.76
C02 JPP B . -2.64 -23.24 -11.08
C03 JPP B . -0.49 -24.45 -11.02
C04 JPP B . 0.04 -21.96 -9.85
C21 JPP B . -4.57 -24.38 -6.75
CA JPP B . -5.92 -23.75 -6.90
C05 JPP B . -6.35 -23.79 -8.31
C06 JPP B . -7.74 -23.71 -5.33
C07 JPP B . -7.17 -24.76 -8.78
C08 JPP B . -5.93 -22.89 -9.24
C09 JPP B . -9.39 -23.38 -3.73
C10 JPP B . -10.10 -23.88 -2.50
C11 JPP B . -8.17 -25.45 -3.92
C12 JPP B . -7.58 -24.80 -10.09
C13 JPP B . -6.32 -22.93 -10.56
C14 JPP B . -8.88 -25.95 -2.76
C15 JPP B . -10.66 -25.70 -1.18
C16 JPP B . -7.15 -23.90 -11.01
C JPP B . -10.06 -25.40 0.14
#